data_6MD8
#
_entry.id   6MD8
#
_cell.length_a   45.202
_cell.length_b   106.878
_cell.length_c   47.781
_cell.angle_alpha   90.000
_cell.angle_beta   101.890
_cell.angle_gamma   90.000
#
_symmetry.space_group_name_H-M   'P 1 21 1'
#
loop_
_entity.id
_entity.type
_entity.pdbx_description
1 polymer 'Beta-lactamase CTX-M-14'
2 non-polymer 1-(2,4-dichlorophenyl)-4-(1H-tetrazol-5-yl)-1H-pyrazol-5-amine
3 non-polymer 'DIMETHYL SULFOXIDE'
4 water water
#
_entity_poly.entity_id   1
_entity_poly.type   'polypeptide(L)'
_entity_poly.pdbx_seq_one_letter_code
;(PCA)TSAVQQKLAALEKSSGGRLGVALIDTADNTQVLYRGDERFPMCSTSKVMAAAAVLKQSETQKQLLNQPVEIKPAD
LVNYNPIAEKHVNGTMTLAELSAAALQYSDNTAMNKLIAQLGGPGGVTAFARAIGDETFRLDRTEPTLNTAIPGDPRDTT
TPRAMAQTLRQLTLGHALGETQRAQLVTWLKGNTTGAASIRAGLPTSWTVGDKTGSGDYGTTNDIAVIWPQGRAPLVLVT
YFTQPQQNAESRRDVLASAARIIAEGL
;
_entity_poly.pdbx_strand_id   A,B
#
loop_
_chem_comp.id
_chem_comp.type
_chem_comp.name
_chem_comp.formula
DMS non-polymer 'DIMETHYL SULFOXIDE' 'C2 H6 O S'
J84 non-polymer 1-(2,4-dichlorophenyl)-4-(1H-tetrazol-5-yl)-1H-pyrazol-5-amine 'C10 H7 Cl2 N7'
#
# COMPACT_ATOMS: atom_id res chain seq x y z
N PCA A 1 23.78 24.09 -5.83
CA PCA A 1 22.41 24.57 -5.64
CB PCA A 1 21.64 24.52 -6.96
CG PCA A 1 22.52 23.82 -7.97
CD PCA A 1 23.82 23.64 -7.22
OE PCA A 1 24.82 23.17 -7.76
C PCA A 1 21.62 23.80 -4.60
O PCA A 1 20.61 24.31 -4.12
N THR A 2 22.08 22.62 -4.23
CA THR A 2 21.31 21.74 -3.34
C THR A 2 21.73 21.80 -1.87
N SER A 3 22.56 22.77 -1.50
N SER A 3 22.56 22.78 -1.51
CA SER A 3 23.08 22.82 -0.14
CA SER A 3 23.08 22.85 -0.14
C SER A 3 21.96 22.95 0.89
C SER A 3 21.96 22.95 0.89
N ALA A 4 20.90 23.71 0.59
CA ALA A 4 19.83 23.90 1.55
C ALA A 4 19.06 22.60 1.80
N VAL A 5 18.74 21.87 0.73
CA VAL A 5 18.10 20.58 0.89
C VAL A 5 19.02 19.60 1.63
N GLN A 6 20.31 19.60 1.27
CA GLN A 6 21.25 18.71 1.94
C GLN A 6 21.36 19.03 3.43
N GLN A 7 21.32 20.32 3.79
CA GLN A 7 21.40 20.67 5.20
C GLN A 7 20.17 20.23 5.96
N LYS A 8 18.99 20.30 5.32
CA LYS A 8 17.78 19.81 5.97
C LYS A 8 17.84 18.29 6.17
N LEU A 9 18.35 17.56 5.17
CA LEU A 9 18.50 16.12 5.31
C LEU A 9 19.50 15.79 6.41
N ALA A 10 20.57 16.58 6.54
CA ALA A 10 21.52 16.34 7.62
C ALA A 10 20.89 16.57 9.00
N ALA A 11 20.03 17.57 9.12
CA ALA A 11 19.35 17.80 10.39
C ALA A 11 18.38 16.66 10.71
N LEU A 12 17.64 16.19 9.69
CA LEU A 12 16.79 15.02 9.89
C LEU A 12 17.62 13.83 10.35
N GLU A 13 18.74 13.57 9.67
CA GLU A 13 19.57 12.43 10.02
C GLU A 13 20.08 12.57 11.45
N LYS A 14 20.52 13.76 11.83
CA LYS A 14 21.05 13.95 13.17
C LYS A 14 20.02 13.61 14.23
N SER A 15 18.76 14.01 14.03
CA SER A 15 17.73 13.73 15.02
CA SER A 15 17.71 13.74 15.00
C SER A 15 17.28 12.28 14.99
N SER A 16 17.58 11.54 13.92
CA SER A 16 17.14 10.15 13.78
C SER A 16 18.05 9.18 14.51
N GLY A 17 19.30 9.57 14.77
CA GLY A 17 20.29 8.70 15.34
C GLY A 17 20.94 7.72 14.37
N GLY A 18 20.41 7.58 13.16
CA GLY A 18 20.91 6.63 12.20
C GLY A 18 21.65 7.29 11.06
N ARG A 19 21.79 6.54 9.96
CA ARG A 19 22.49 6.98 8.76
C ARG A 19 21.52 6.95 7.60
N LEU A 20 21.39 8.08 6.91
CA LEU A 20 20.40 8.30 5.86
C LEU A 20 21.11 8.50 4.52
N GLY A 21 20.59 7.84 3.48
CA GLY A 21 21.09 8.03 2.13
C GLY A 21 19.96 8.37 1.18
N VAL A 22 20.12 9.40 0.37
CA VAL A 22 19.07 9.87 -0.52
C VAL A 22 19.65 10.13 -1.91
N ALA A 23 18.91 9.73 -2.94
CA ALA A 23 19.21 10.16 -4.30
C ALA A 23 17.92 10.45 -5.05
N LEU A 24 17.83 11.65 -5.62
CA LEU A 24 16.74 12.07 -6.47
C LEU A 24 17.25 12.26 -7.89
N ILE A 25 16.48 11.81 -8.88
CA ILE A 25 16.64 12.26 -10.27
C ILE A 25 15.33 12.90 -10.71
N ASP A 26 15.39 14.15 -11.17
CA ASP A 26 14.24 14.79 -11.81
C ASP A 26 14.38 14.55 -13.32
N THR A 27 13.50 13.75 -13.91
CA THR A 27 13.68 13.36 -15.31
C THR A 27 13.29 14.46 -16.31
N ALA A 28 12.73 15.56 -15.85
CA ALA A 28 12.50 16.69 -16.75
C ALA A 28 13.82 17.20 -17.31
N ASP A 29 14.85 17.29 -16.45
CA ASP A 29 16.10 17.95 -16.80
C ASP A 29 17.33 17.21 -16.28
N ASN A 30 17.15 16.02 -15.71
CA ASN A 30 18.22 15.18 -15.16
C ASN A 30 18.95 15.80 -13.99
N THR A 31 18.37 16.82 -13.35
CA THR A 31 18.96 17.37 -12.15
C THR A 31 18.75 16.40 -10.98
N GLN A 32 19.59 16.55 -9.97
CA GLN A 32 19.72 15.51 -8.95
C GLN A 32 19.93 16.14 -7.58
N VAL A 33 19.56 15.39 -6.54
CA VAL A 33 19.94 15.69 -5.17
C VAL A 33 20.51 14.42 -4.58
N LEU A 34 21.68 14.54 -3.95
CA LEU A 34 22.36 13.41 -3.34
C LEU A 34 22.65 13.73 -1.88
N TYR A 35 22.44 12.75 -1.01
CA TYR A 35 22.84 12.86 0.39
C TYR A 35 23.43 11.49 0.75
N ARG A 36 24.72 11.45 1.07
CA ARG A 36 25.46 10.19 1.20
C ARG A 36 25.25 9.31 -0.04
N GLY A 37 25.22 9.96 -1.20
CA GLY A 37 24.82 9.29 -2.43
C GLY A 37 25.76 8.19 -2.88
N ASP A 38 27.01 8.21 -2.42
CA ASP A 38 27.98 7.19 -2.79
C ASP A 38 28.37 6.30 -1.64
N GLU A 39 27.65 6.35 -0.52
CA GLU A 39 27.85 5.42 0.58
C GLU A 39 26.99 4.19 0.36
N ARG A 40 27.47 3.05 0.85
CA ARG A 40 26.76 1.79 0.67
C ARG A 40 25.76 1.56 1.79
N PHE A 41 24.61 1.00 1.42
CA PHE A 41 23.54 0.68 2.34
C PHE A 41 23.05 -0.71 2.01
N PRO A 42 22.59 -1.47 3.00
CA PRO A 42 21.97 -2.77 2.71
C PRO A 42 20.65 -2.56 2.00
N MET A 43 20.45 -3.28 0.90
CA MET A 43 19.25 -3.09 0.09
C MET A 43 18.01 -3.71 0.71
N CYS A 44 18.17 -4.83 1.42
CA CYS A 44 17.04 -5.62 1.89
C CYS A 44 16.07 -5.86 0.75
N SER A 45 14.75 -5.78 0.99
CA SER A 45 13.80 -6.16 -0.05
C SER A 45 13.76 -5.22 -1.25
N THR A 46 14.43 -4.06 -1.21
CA THR A 46 14.49 -3.26 -2.43
C THR A 46 15.23 -3.98 -3.55
N SER A 47 16.06 -4.97 -3.21
CA SER A 47 16.73 -5.79 -4.23
C SER A 47 15.75 -6.60 -5.06
N LYS A 48 14.51 -6.78 -4.60
CA LYS A 48 13.51 -7.53 -5.36
C LYS A 48 13.22 -6.88 -6.70
N VAL A 49 13.36 -5.56 -6.82
CA VAL A 49 13.19 -4.90 -8.11
C VAL A 49 14.19 -5.42 -9.13
N MET A 50 15.46 -5.54 -8.74
CA MET A 50 16.48 -6.01 -9.69
C MET A 50 16.22 -7.44 -10.11
N ALA A 51 15.78 -8.29 -9.19
CA ALA A 51 15.52 -9.68 -9.54
C ALA A 51 14.33 -9.79 -10.49
N ALA A 52 13.22 -9.11 -10.17
CA ALA A 52 12.06 -9.13 -11.06
C ALA A 52 12.42 -8.56 -12.42
N ALA A 53 13.18 -7.47 -12.45
CA ALA A 53 13.57 -6.88 -13.73
C ALA A 53 14.43 -7.83 -14.55
N ALA A 54 15.31 -8.59 -13.89
CA ALA A 54 16.16 -9.52 -14.63
C ALA A 54 15.34 -10.62 -15.28
N VAL A 55 14.29 -11.09 -14.59
CA VAL A 55 13.39 -12.08 -15.17
C VAL A 55 12.59 -11.46 -16.31
N LEU A 56 12.15 -10.20 -16.15
CA LEU A 56 11.51 -9.53 -17.27
C LEU A 56 12.43 -9.46 -18.48
N LYS A 57 13.73 -9.20 -18.26
CA LYS A 57 14.67 -9.18 -19.38
C LYS A 57 14.74 -10.55 -20.06
N GLN A 58 14.78 -11.62 -19.27
CA GLN A 58 14.76 -12.97 -19.86
C GLN A 58 13.50 -13.19 -20.68
N SER A 59 12.36 -12.64 -20.23
CA SER A 59 11.11 -12.85 -20.92
C SER A 59 11.06 -12.17 -22.28
N GLU A 60 11.98 -11.25 -22.56
CA GLU A 60 11.99 -10.60 -23.86
C GLU A 60 12.33 -11.57 -24.98
N THR A 61 13.02 -12.67 -24.68
CA THR A 61 13.31 -13.69 -25.67
C THR A 61 12.56 -14.99 -25.44
N GLN A 62 11.66 -15.03 -24.45
CA GLN A 62 10.83 -16.21 -24.18
C GLN A 62 9.42 -15.73 -23.85
N LYS A 63 8.55 -15.72 -24.86
CA LYS A 63 7.21 -15.14 -24.74
C LYS A 63 6.38 -15.82 -23.66
N GLN A 64 6.67 -17.08 -23.37
CA GLN A 64 5.90 -17.85 -22.39
C GLN A 64 6.56 -17.94 -21.02
N LEU A 65 7.69 -17.27 -20.83
CA LEU A 65 8.44 -17.45 -19.59
C LEU A 65 7.64 -17.05 -18.36
N LEU A 66 6.93 -15.91 -18.43
CA LEU A 66 6.19 -15.45 -17.28
C LEU A 66 5.04 -16.39 -16.90
N ASN A 67 4.62 -17.25 -17.82
CA ASN A 67 3.60 -18.25 -17.51
C ASN A 67 4.18 -19.58 -17.05
N GLN A 68 5.50 -19.67 -16.93
CA GLN A 68 6.14 -20.94 -16.58
C GLN A 68 5.90 -21.26 -15.10
N PRO A 69 5.43 -22.45 -14.79
CA PRO A 69 5.20 -22.80 -13.39
C PRO A 69 6.49 -23.14 -12.68
N VAL A 70 6.54 -22.78 -11.40
CA VAL A 70 7.66 -23.07 -10.52
C VAL A 70 7.10 -23.77 -9.29
N GLU A 71 7.66 -24.93 -8.95
CA GLU A 71 7.17 -25.70 -7.81
C GLU A 71 7.52 -25.00 -6.51
N ILE A 72 6.54 -24.95 -5.60
CA ILE A 72 6.74 -24.46 -4.24
C ILE A 72 6.61 -25.67 -3.31
N LYS A 73 7.65 -25.94 -2.55
CA LYS A 73 7.67 -27.05 -1.61
C LYS A 73 7.68 -26.52 -0.18
N PRO A 74 7.24 -27.32 0.79
CA PRO A 74 7.28 -26.87 2.19
C PRO A 74 8.64 -26.36 2.62
N ALA A 75 9.73 -27.00 2.18
CA ALA A 75 11.06 -26.57 2.57
C ALA A 75 11.46 -25.24 1.95
N ASP A 76 10.71 -24.72 0.98
CA ASP A 76 11.05 -23.45 0.36
C ASP A 76 10.61 -22.25 1.18
N LEU A 77 9.68 -22.43 2.10
CA LEU A 77 9.16 -21.30 2.86
C LEU A 77 10.25 -20.74 3.75
N VAL A 78 10.41 -19.43 3.72
CA VAL A 78 11.37 -18.75 4.58
C VAL A 78 10.63 -17.90 5.61
N ASN A 79 11.05 -16.65 5.82
CA ASN A 79 10.60 -15.94 7.01
C ASN A 79 9.34 -15.10 6.85
N TYR A 80 8.88 -14.85 5.61
CA TYR A 80 7.64 -14.12 5.39
C TYR A 80 7.19 -14.43 3.98
N ASN A 81 6.10 -15.18 3.85
CA ASN A 81 5.73 -15.81 2.58
C ASN A 81 4.22 -15.76 2.43
N PRO A 82 3.62 -14.57 2.49
CA PRO A 82 2.15 -14.48 2.52
C PRO A 82 1.48 -15.04 1.29
N ILE A 83 2.13 -15.01 0.14
CA ILE A 83 1.55 -15.57 -1.09
C ILE A 83 2.01 -16.99 -1.31
N ALA A 84 3.33 -17.23 -1.18
CA ALA A 84 3.86 -18.54 -1.51
C ALA A 84 3.30 -19.64 -0.61
N GLU A 85 2.98 -19.32 0.65
CA GLU A 85 2.48 -20.38 1.52
C GLU A 85 1.14 -20.94 1.04
N LYS A 86 0.37 -20.15 0.29
CA LYS A 86 -0.88 -20.65 -0.27
C LYS A 86 -0.67 -21.65 -1.39
N HIS A 87 0.56 -21.76 -1.90
CA HIS A 87 0.85 -22.58 -3.08
C HIS A 87 1.81 -23.71 -2.77
N VAL A 88 2.06 -23.99 -1.49
N VAL A 88 2.08 -23.99 -1.49
CA VAL A 88 2.95 -25.08 -1.12
CA VAL A 88 2.97 -25.09 -1.16
C VAL A 88 2.37 -26.40 -1.64
C VAL A 88 2.37 -26.39 -1.67
N ASN A 89 3.24 -27.26 -2.16
CA ASN A 89 2.88 -28.50 -2.86
C ASN A 89 2.15 -28.23 -4.17
N GLY A 90 2.18 -26.98 -4.63
CA GLY A 90 1.66 -26.55 -5.90
C GLY A 90 2.71 -25.75 -6.64
N THR A 91 2.24 -24.84 -7.47
CA THR A 91 3.13 -24.04 -8.30
C THR A 91 2.66 -22.59 -8.33
N MET A 92 3.59 -21.71 -8.69
CA MET A 92 3.30 -20.32 -9.05
C MET A 92 4.04 -20.01 -10.34
N THR A 93 3.44 -19.20 -11.20
CA THR A 93 4.17 -18.79 -12.40
C THR A 93 5.21 -17.73 -12.06
N LEU A 94 6.16 -17.53 -12.97
CA LEU A 94 7.14 -16.48 -12.75
C LEU A 94 6.50 -15.10 -12.66
N ALA A 95 5.40 -14.86 -13.39
CA ALA A 95 4.66 -13.62 -13.21
C ALA A 95 4.09 -13.53 -11.80
N GLU A 96 3.48 -14.61 -11.31
CA GLU A 96 2.92 -14.60 -9.96
C GLU A 96 4.00 -14.40 -8.91
N LEU A 97 5.17 -15.02 -9.13
CA LEU A 97 6.27 -14.84 -8.17
C LEU A 97 6.78 -13.41 -8.20
N SER A 98 6.85 -12.81 -9.39
CA SER A 98 7.30 -11.42 -9.49
C SER A 98 6.32 -10.48 -8.80
N ALA A 99 5.03 -10.66 -9.05
CA ALA A 99 4.03 -9.82 -8.40
C ALA A 99 4.05 -10.00 -6.89
N ALA A 100 4.20 -11.24 -6.42
CA ALA A 100 4.22 -11.49 -4.98
C ALA A 100 5.45 -10.85 -4.33
N ALA A 101 6.62 -11.04 -4.94
CA ALA A 101 7.84 -10.42 -4.45
C ALA A 101 7.71 -8.90 -4.38
N LEU A 102 7.21 -8.28 -5.46
CA LEU A 102 7.22 -6.84 -5.53
C LEU A 102 6.10 -6.22 -4.70
N GLN A 103 4.88 -6.75 -4.82
CA GLN A 103 3.73 -6.07 -4.25
C GLN A 103 3.44 -6.48 -2.81
N TYR A 104 3.87 -7.67 -2.39
CA TYR A 104 3.67 -8.15 -1.03
C TYR A 104 4.98 -8.36 -0.29
N SER A 105 6.11 -8.23 -0.97
CA SER A 105 7.42 -8.45 -0.36
C SER A 105 7.60 -9.90 0.09
N ASP A 106 7.02 -10.85 -0.66
CA ASP A 106 7.12 -12.27 -0.34
C ASP A 106 8.56 -12.74 -0.56
N ASN A 107 9.16 -13.29 0.49
CA ASN A 107 10.57 -13.67 0.45
C ASN A 107 10.82 -15.00 -0.23
N THR A 108 9.88 -15.94 -0.14
CA THR A 108 10.00 -17.17 -0.91
C THR A 108 9.94 -16.87 -2.40
N ALA A 109 9.04 -15.97 -2.80
CA ALA A 109 8.96 -15.59 -4.19
C ALA A 109 10.27 -15.00 -4.69
N MET A 110 10.90 -14.14 -3.88
CA MET A 110 12.21 -13.62 -4.25
C MET A 110 13.22 -14.75 -4.48
N ASN A 111 13.23 -15.75 -3.59
CA ASN A 111 14.18 -16.84 -3.78
C ASN A 111 13.94 -17.59 -5.07
N LYS A 112 12.69 -17.74 -5.50
CA LYS A 112 12.44 -18.38 -6.79
C LYS A 112 12.93 -17.52 -7.95
N LEU A 113 12.80 -16.19 -7.86
CA LEU A 113 13.36 -15.33 -8.89
C LEU A 113 14.88 -15.46 -8.94
N ILE A 114 15.53 -15.44 -7.78
CA ILE A 114 16.97 -15.61 -7.73
C ILE A 114 17.39 -16.93 -8.37
N ALA A 115 16.68 -18.00 -8.04
CA ALA A 115 17.04 -19.30 -8.60
C ALA A 115 16.85 -19.33 -10.11
N GLN A 116 15.80 -18.67 -10.62
CA GLN A 116 15.59 -18.60 -12.06
C GLN A 116 16.74 -17.90 -12.77
N LEU A 117 17.45 -17.02 -12.07
CA LEU A 117 18.59 -16.30 -12.63
C LEU A 117 19.92 -16.98 -12.33
N GLY A 118 19.91 -18.16 -11.71
CA GLY A 118 21.13 -18.89 -11.44
C GLY A 118 21.83 -18.55 -10.14
N GLY A 119 21.13 -17.88 -9.22
CA GLY A 119 21.71 -17.51 -7.96
C GLY A 119 21.91 -16.01 -7.84
N PRO A 120 22.31 -15.54 -6.65
CA PRO A 120 22.50 -14.09 -6.46
C PRO A 120 23.40 -13.44 -7.51
N GLY A 121 24.45 -14.13 -7.94
CA GLY A 121 25.33 -13.56 -8.95
C GLY A 121 24.67 -13.33 -10.29
N GLY A 122 23.59 -14.06 -10.60
CA GLY A 122 22.87 -13.78 -11.82
C GLY A 122 22.11 -12.48 -11.76
N VAL A 123 21.66 -12.09 -10.56
CA VAL A 123 21.05 -10.78 -10.39
C VAL A 123 22.11 -9.69 -10.56
N THR A 124 23.29 -9.87 -9.95
CA THR A 124 24.38 -8.92 -10.12
C THR A 124 24.80 -8.81 -11.58
N ALA A 125 24.84 -9.93 -12.30
CA ALA A 125 25.22 -9.89 -13.71
C ALA A 125 24.23 -9.06 -14.51
N PHE A 126 22.93 -9.19 -14.22
CA PHE A 126 21.95 -8.34 -14.90
C PHE A 126 22.19 -6.86 -14.59
N ALA A 127 22.47 -6.55 -13.32
CA ALA A 127 22.77 -5.17 -12.96
C ALA A 127 23.92 -4.63 -13.80
N ARG A 128 25.00 -5.41 -13.94
CA ARG A 128 26.12 -4.96 -14.75
C ARG A 128 25.71 -4.76 -16.21
N ALA A 129 24.87 -5.65 -16.73
CA ALA A 129 24.47 -5.56 -18.12
C ALA A 129 23.66 -4.31 -18.42
N ILE A 130 23.01 -3.73 -17.42
CA ILE A 130 22.25 -2.50 -17.63
C ILE A 130 22.98 -1.27 -17.12
N GLY A 131 24.28 -1.39 -16.83
CA GLY A 131 25.12 -0.25 -16.52
C GLY A 131 25.36 0.04 -15.05
N ASP A 132 24.87 -0.81 -14.15
CA ASP A 132 25.02 -0.60 -12.72
C ASP A 132 26.24 -1.37 -12.26
N GLU A 133 27.31 -0.64 -11.93
CA GLU A 133 28.56 -1.23 -11.49
C GLU A 133 28.64 -1.36 -9.96
N THR A 134 27.61 -0.95 -9.26
CA THR A 134 27.63 -0.81 -7.81
C THR A 134 26.81 -1.88 -7.09
N PHE A 135 25.62 -2.16 -7.59
CA PHE A 135 24.73 -3.18 -7.02
C PHE A 135 25.48 -4.49 -6.84
N ARG A 136 25.29 -5.15 -5.70
CA ARG A 136 25.74 -6.52 -5.58
C ARG A 136 24.73 -7.31 -4.75
N LEU A 137 24.31 -8.46 -5.27
CA LEU A 137 23.53 -9.42 -4.50
C LEU A 137 24.40 -10.64 -4.25
N ASP A 138 24.53 -11.01 -2.98
CA ASP A 138 25.44 -12.04 -2.55
C ASP A 138 24.74 -13.24 -1.94
N ARG A 139 23.54 -13.06 -1.40
CA ARG A 139 22.86 -14.09 -0.64
C ARG A 139 21.39 -14.11 -1.03
N THR A 140 20.71 -15.17 -0.60
CA THR A 140 19.28 -15.35 -0.78
C THR A 140 18.54 -14.82 0.45
N GLU A 141 17.21 -14.93 0.41
CA GLU A 141 16.41 -14.67 1.60
C GLU A 141 16.47 -15.88 2.52
N PRO A 142 16.53 -15.67 3.85
CA PRO A 142 16.43 -14.38 4.54
C PRO A 142 17.76 -13.69 4.85
N THR A 143 18.90 -14.37 4.60
CA THR A 143 20.16 -13.85 5.13
C THR A 143 20.62 -12.58 4.43
N LEU A 144 20.08 -12.23 3.26
CA LEU A 144 20.48 -10.99 2.62
C LEU A 144 20.10 -9.76 3.44
N ASN A 145 19.33 -9.92 4.50
CA ASN A 145 18.85 -8.80 5.32
C ASN A 145 19.63 -8.59 6.60
N THR A 146 20.78 -9.25 6.76
CA THR A 146 21.52 -9.09 8.03
C THR A 146 21.97 -7.66 8.24
N ALA A 147 22.27 -6.93 7.17
CA ALA A 147 22.44 -5.47 7.22
C ALA A 147 23.53 -5.03 8.19
N ILE A 148 24.59 -5.82 8.32
CA ILE A 148 25.64 -5.53 9.30
C ILE A 148 26.41 -4.29 8.88
N PRO A 149 26.62 -3.32 9.77
CA PRO A 149 27.38 -2.12 9.37
C PRO A 149 28.76 -2.51 8.85
N GLY A 150 29.15 -1.89 7.73
CA GLY A 150 30.43 -2.16 7.12
C GLY A 150 30.48 -3.37 6.21
N ASP A 151 29.45 -4.21 6.20
CA ASP A 151 29.43 -5.41 5.37
C ASP A 151 29.02 -5.02 3.96
N PRO A 152 29.83 -5.28 2.94
CA PRO A 152 29.46 -4.90 1.57
C PRO A 152 28.43 -5.82 0.93
N ARG A 153 28.15 -6.97 1.52
CA ARG A 153 27.25 -7.92 0.87
C ARG A 153 25.85 -7.33 0.75
N ASP A 154 25.23 -7.54 -0.41
CA ASP A 154 23.81 -7.18 -0.58
C ASP A 154 23.57 -5.69 -0.38
N THR A 155 24.49 -4.87 -0.89
CA THR A 155 24.41 -3.42 -0.79
C THR A 155 24.41 -2.78 -2.16
N THR A 156 23.99 -1.50 -2.16
CA THR A 156 24.25 -0.59 -3.26
C THR A 156 24.37 0.82 -2.69
N THR A 157 24.53 1.81 -3.57
CA THR A 157 24.51 3.21 -3.15
C THR A 157 23.23 3.87 -3.62
N PRO A 158 22.81 4.96 -2.96
CA PRO A 158 21.64 5.70 -3.46
C PRO A 158 21.80 6.18 -4.89
N ARG A 159 22.95 6.72 -5.26
CA ARG A 159 23.13 7.21 -6.63
C ARG A 159 22.93 6.09 -7.64
N ALA A 160 23.54 4.94 -7.39
CA ALA A 160 23.44 3.86 -8.37
C ALA A 160 22.02 3.32 -8.46
N MET A 161 21.34 3.16 -7.32
CA MET A 161 20.00 2.60 -7.39
C MET A 161 19.01 3.55 -8.03
N ALA A 162 19.17 4.86 -7.82
CA ALA A 162 18.26 5.80 -8.49
C ALA A 162 18.45 5.74 -9.99
N GLN A 163 19.71 5.71 -10.45
CA GLN A 163 19.95 5.64 -11.88
C GLN A 163 19.39 4.36 -12.46
N THR A 164 19.60 3.24 -11.79
CA THR A 164 19.08 1.96 -12.28
C THR A 164 17.56 1.96 -12.32
N LEU A 165 16.92 2.42 -11.23
CA LEU A 165 15.45 2.45 -11.21
C LEU A 165 14.92 3.32 -12.33
N ARG A 166 15.58 4.45 -12.59
CA ARG A 166 15.19 5.31 -13.72
C ARG A 166 15.29 4.54 -15.03
N GLN A 167 16.41 3.85 -15.26
CA GLN A 167 16.59 3.17 -16.54
C GLN A 167 15.59 2.03 -16.72
N LEU A 168 15.25 1.34 -15.62
CA LEU A 168 14.32 0.23 -15.70
C LEU A 168 12.89 0.68 -15.96
N THR A 169 12.45 1.78 -15.35
CA THR A 169 11.03 2.16 -15.37
C THR A 169 10.70 3.26 -16.35
N LEU A 170 11.64 4.15 -16.66
CA LEU A 170 11.40 5.28 -17.54
C LEU A 170 12.29 5.26 -18.76
N GLY A 171 13.44 4.59 -18.70
CA GLY A 171 14.38 4.46 -19.80
C GLY A 171 14.18 3.16 -20.56
N HIS A 172 15.25 2.67 -21.18
CA HIS A 172 15.14 1.58 -22.12
C HIS A 172 15.97 0.36 -21.73
N ALA A 173 16.20 0.17 -20.43
CA ALA A 173 16.89 -1.04 -19.99
C ALA A 173 16.05 -2.29 -20.27
N LEU A 174 14.73 -2.17 -20.26
CA LEU A 174 13.83 -3.24 -20.62
C LEU A 174 13.07 -2.88 -21.89
N GLY A 175 12.54 -3.89 -22.56
CA GLY A 175 11.61 -3.66 -23.65
C GLY A 175 10.36 -2.95 -23.17
N GLU A 176 9.59 -2.40 -24.12
CA GLU A 176 8.48 -1.52 -23.77
C GLU A 176 7.42 -2.24 -22.95
N THR A 177 7.03 -3.43 -23.39
N THR A 177 7.03 -3.45 -23.35
CA THR A 177 6.04 -4.22 -22.66
CA THR A 177 5.99 -4.12 -22.57
C THR A 177 6.53 -4.55 -21.25
C THR A 177 6.51 -4.60 -21.23
N GLN A 178 7.81 -4.92 -21.14
CA GLN A 178 8.38 -5.30 -19.86
C GLN A 178 8.47 -4.10 -18.91
N ARG A 179 8.92 -2.95 -19.43
CA ARG A 179 8.93 -1.72 -18.65
C ARG A 179 7.54 -1.40 -18.12
N ALA A 180 6.52 -1.49 -18.98
CA ALA A 180 5.16 -1.22 -18.55
C ALA A 180 4.72 -2.20 -17.46
N GLN A 181 5.11 -3.48 -17.60
CA GLN A 181 4.76 -4.46 -16.57
C GLN A 181 5.43 -4.12 -15.25
N LEU A 182 6.70 -3.72 -15.27
CA LEU A 182 7.37 -3.36 -14.03
C LEU A 182 6.70 -2.16 -13.37
N VAL A 183 6.37 -1.14 -14.17
CA VAL A 183 5.68 0.03 -13.64
C VAL A 183 4.33 -0.35 -13.04
N THR A 184 3.56 -1.19 -13.73
CA THR A 184 2.28 -1.65 -13.19
C THR A 184 2.47 -2.33 -11.84
N TRP A 185 3.47 -3.20 -11.74
CA TRP A 185 3.70 -3.90 -10.48
C TRP A 185 4.06 -2.93 -9.36
N LEU A 186 4.98 -2.00 -9.63
CA LEU A 186 5.37 -1.03 -8.61
C LEU A 186 4.20 -0.16 -8.18
N LYS A 187 3.37 0.27 -9.14
CA LYS A 187 2.24 1.12 -8.80
C LYS A 187 1.23 0.38 -7.94
N GLY A 188 1.17 -0.95 -8.04
CA GLY A 188 0.30 -1.77 -7.23
C GLY A 188 0.88 -2.23 -5.91
N ASN A 189 2.03 -1.72 -5.51
CA ASN A 189 2.60 -2.14 -4.23
C ASN A 189 1.61 -1.90 -3.09
N THR A 190 1.58 -2.84 -2.14
CA THR A 190 0.73 -2.73 -0.97
C THR A 190 1.43 -2.17 0.26
N THR A 191 2.77 -2.09 0.25
CA THR A 191 3.52 -1.88 1.49
C THR A 191 4.06 -0.48 1.67
N GLY A 192 3.73 0.46 0.78
CA GLY A 192 4.49 1.70 0.71
C GLY A 192 3.89 2.96 1.28
N ALA A 193 2.66 2.93 1.81
CA ALA A 193 1.99 4.19 2.16
C ALA A 193 2.63 4.94 3.32
N ALA A 194 3.45 4.30 4.15
CA ALA A 194 4.08 4.97 5.29
C ALA A 194 5.48 5.48 4.98
N SER A 195 5.99 5.23 3.79
CA SER A 195 7.39 5.49 3.44
C SER A 195 7.47 6.73 2.57
N ILE A 196 8.14 6.70 1.41
CA ILE A 196 8.29 7.89 0.58
C ILE A 196 6.94 8.57 0.33
N ARG A 197 5.91 7.77 0.01
CA ARG A 197 4.59 8.30 -0.34
C ARG A 197 4.05 9.21 0.75
N ALA A 198 4.31 8.89 2.01
CA ALA A 198 3.75 9.67 3.12
C ALA A 198 4.34 11.07 3.19
N GLY A 199 5.46 11.33 2.54
CA GLY A 199 6.04 12.65 2.54
C GLY A 199 5.71 13.50 1.35
N LEU A 200 4.91 13.00 0.41
CA LEU A 200 4.61 13.68 -0.84
C LEU A 200 3.17 14.15 -0.88
N PRO A 201 2.86 15.13 -1.72
CA PRO A 201 1.45 15.53 -1.91
C PRO A 201 0.60 14.33 -2.26
N THR A 202 -0.60 14.27 -1.67
CA THR A 202 -1.44 13.09 -1.81
C THR A 202 -1.89 12.85 -3.24
N SER A 203 -1.91 13.88 -4.08
N SER A 203 -1.90 13.87 -4.08
CA SER A 203 -2.37 13.73 -5.45
CA SER A 203 -2.37 13.70 -5.45
C SER A 203 -1.35 13.03 -6.35
C SER A 203 -1.34 13.07 -6.38
N TRP A 204 -0.07 13.03 -5.97
CA TRP A 204 0.96 12.46 -6.82
C TRP A 204 0.84 10.94 -6.87
N THR A 205 1.14 10.37 -8.04
CA THR A 205 1.11 8.93 -8.19
C THR A 205 2.51 8.36 -7.91
N VAL A 206 2.56 7.28 -7.16
CA VAL A 206 3.82 6.65 -6.75
C VAL A 206 3.78 5.16 -7.05
N GLY A 207 4.91 4.63 -7.55
CA GLY A 207 5.16 3.20 -7.53
C GLY A 207 6.45 2.99 -6.76
N ASP A 208 6.48 2.03 -5.85
CA ASP A 208 7.66 1.91 -4.99
C ASP A 208 7.89 0.46 -4.58
N LYS A 209 9.08 0.21 -4.06
CA LYS A 209 9.41 -1.04 -3.38
C LYS A 209 10.12 -0.71 -2.08
N THR A 210 9.54 -1.17 -0.98
CA THR A 210 10.10 -0.99 0.36
C THR A 210 11.09 -2.10 0.68
N GLY A 211 11.86 -1.87 1.72
CA GLY A 211 12.66 -2.95 2.30
C GLY A 211 12.93 -2.66 3.76
N SER A 212 13.13 -3.73 4.51
CA SER A 212 13.61 -3.57 5.88
C SER A 212 14.40 -4.80 6.29
N GLY A 213 15.21 -4.62 7.32
CA GLY A 213 16.02 -5.72 7.80
C GLY A 213 16.59 -5.40 9.14
N ASP A 214 17.64 -6.14 9.51
CA ASP A 214 18.26 -5.93 10.80
C ASP A 214 18.93 -4.56 10.84
N TYR A 215 19.38 -4.16 12.02
CA TYR A 215 19.93 -2.83 12.24
C TYR A 215 18.90 -1.74 11.95
N GLY A 216 17.62 -2.05 12.15
CA GLY A 216 16.57 -1.08 11.90
C GLY A 216 16.60 -0.55 10.49
N THR A 217 17.09 -1.35 9.55
CA THR A 217 17.25 -0.85 8.19
C THR A 217 15.87 -0.66 7.57
N THR A 218 15.64 0.52 7.02
CA THR A 218 14.32 0.91 6.51
C THR A 218 14.55 1.64 5.21
N ASN A 219 14.04 1.10 4.11
CA ASN A 219 14.39 1.57 2.78
C ASN A 219 13.14 1.73 1.92
N ASP A 220 13.25 2.56 0.90
CA ASP A 220 12.19 2.66 -0.10
C ASP A 220 12.80 3.23 -1.37
N ILE A 221 12.41 2.68 -2.51
CA ILE A 221 12.82 3.18 -3.82
C ILE A 221 11.57 3.40 -4.65
N ALA A 222 11.46 4.57 -5.26
CA ALA A 222 10.17 4.99 -5.81
C ALA A 222 10.34 5.72 -7.13
N VAL A 223 9.34 5.55 -7.98
N VAL A 223 9.36 5.52 -7.99
CA VAL A 223 9.15 6.39 -9.16
CA VAL A 223 9.12 6.39 -9.13
C VAL A 223 7.85 7.17 -8.96
C VAL A 223 7.89 7.20 -8.82
N ILE A 224 7.94 8.49 -9.13
CA ILE A 224 6.92 9.43 -8.68
C ILE A 224 6.45 10.20 -9.91
N TRP A 225 5.12 10.27 -10.09
CA TRP A 225 4.54 11.03 -11.18
C TRP A 225 3.77 12.19 -10.57
N PRO A 226 4.40 13.35 -10.36
CA PRO A 226 3.65 14.50 -9.87
C PRO A 226 2.73 15.03 -10.95
N GLN A 227 1.71 15.77 -10.53
CA GLN A 227 0.89 16.48 -11.49
C GLN A 227 1.67 17.67 -12.04
N GLY A 228 1.59 17.85 -13.35
CA GLY A 228 2.11 19.05 -13.96
C GLY A 228 3.59 19.05 -14.25
N ARG A 229 4.28 17.90 -14.14
CA ARG A 229 5.71 17.86 -14.44
C ARG A 229 6.14 16.42 -14.67
N ALA A 230 7.33 16.29 -15.25
CA ALA A 230 7.91 14.99 -15.58
C ALA A 230 8.19 14.18 -14.31
N PRO A 231 8.26 12.85 -14.46
CA PRO A 231 8.44 11.99 -13.28
C PRO A 231 9.78 12.18 -12.58
N LEU A 232 9.80 11.80 -11.31
CA LEU A 232 10.99 11.79 -10.48
C LEU A 232 11.29 10.35 -10.07
N VAL A 233 12.56 10.10 -9.78
CA VAL A 233 12.99 8.85 -9.16
C VAL A 233 13.64 9.22 -7.84
N LEU A 234 13.24 8.54 -6.76
CA LEU A 234 13.74 8.86 -5.43
C LEU A 234 14.06 7.59 -4.68
N VAL A 235 15.27 7.53 -4.13
N VAL A 235 15.26 7.50 -4.12
CA VAL A 235 15.75 6.45 -3.27
CA VAL A 235 15.62 6.39 -3.26
C VAL A 235 15.98 7.03 -1.88
C VAL A 235 16.05 6.93 -1.90
N THR A 236 15.48 6.34 -0.85
CA THR A 236 15.75 6.70 0.54
C THR A 236 16.15 5.44 1.28
N TYR A 237 17.37 5.42 1.82
N TYR A 237 17.39 5.37 1.74
CA TYR A 237 17.94 4.29 2.53
CA TYR A 237 17.87 4.28 2.56
C TYR A 237 18.31 4.74 3.94
C TYR A 237 18.14 4.79 3.97
N PHE A 238 18.00 3.91 4.94
CA PHE A 238 18.23 4.31 6.33
C PHE A 238 18.64 3.08 7.14
N THR A 239 19.68 3.23 7.96
CA THR A 239 20.14 2.12 8.78
C THR A 239 20.69 2.67 10.09
N GLN A 240 20.68 1.83 11.12
CA GLN A 240 20.87 2.29 12.50
C GLN A 240 21.96 1.48 13.18
N PRO A 241 22.49 1.95 14.31
CA PRO A 241 23.68 1.29 14.89
C PRO A 241 23.41 0.00 15.64
N GLN A 242 22.19 -0.24 16.10
CA GLN A 242 21.86 -1.38 16.95
C GLN A 242 21.18 -2.46 16.12
N GLN A 243 21.59 -3.72 16.31
CA GLN A 243 21.07 -4.81 15.49
CA GLN A 243 21.08 -4.82 15.50
C GLN A 243 19.55 -4.93 15.58
N ASN A 244 18.98 -4.64 16.76
CA ASN A 244 17.55 -4.83 16.99
C ASN A 244 16.76 -3.54 16.90
N ALA A 245 17.31 -2.50 16.28
CA ALA A 245 16.61 -1.23 16.16
C ALA A 245 15.28 -1.41 15.43
N GLU A 246 14.31 -0.57 15.78
CA GLU A 246 13.00 -0.61 15.15
C GLU A 246 13.01 0.12 13.81
N SER A 247 12.08 -0.26 12.95
CA SER A 247 11.92 0.39 11.66
C SER A 247 11.53 1.86 11.84
N ARG A 248 11.97 2.69 10.89
CA ARG A 248 11.70 4.13 10.93
C ARG A 248 11.21 4.62 9.57
N ARG A 249 10.04 4.12 9.14
CA ARG A 249 9.48 4.57 7.87
C ARG A 249 9.20 6.07 7.89
N ASP A 250 8.91 6.63 9.06
CA ASP A 250 8.69 8.07 9.16
C ASP A 250 9.91 8.86 8.73
N VAL A 251 11.12 8.34 8.94
CA VAL A 251 12.31 9.06 8.50
C VAL A 251 12.34 9.14 6.98
N LEU A 252 11.93 8.06 6.31
CA LEU A 252 11.87 8.08 4.85
C LEU A 252 10.83 9.07 4.35
N ALA A 253 9.65 9.10 5.01
CA ALA A 253 8.66 10.10 4.67
C ALA A 253 9.21 11.51 4.85
N SER A 254 9.94 11.75 5.94
CA SER A 254 10.48 13.08 6.20
C SER A 254 11.53 13.45 5.14
N ALA A 255 12.34 12.49 4.70
CA ALA A 255 13.30 12.78 3.65
C ALA A 255 12.59 13.13 2.36
N ALA A 256 11.55 12.37 2.02
CA ALA A 256 10.78 12.66 0.81
C ALA A 256 10.15 14.04 0.89
N ARG A 257 9.64 14.42 2.06
CA ARG A 257 9.00 15.72 2.20
C ARG A 257 10.01 16.85 2.02
N ILE A 258 11.22 16.69 2.56
CA ILE A 258 12.28 17.67 2.34
C ILE A 258 12.58 17.80 0.85
N ILE A 259 12.67 16.67 0.15
CA ILE A 259 12.89 16.70 -1.29
C ILE A 259 11.77 17.45 -2.00
N ALA A 260 10.52 17.09 -1.70
CA ALA A 260 9.39 17.72 -2.38
C ALA A 260 9.35 19.22 -2.12
N GLU A 261 9.69 19.64 -0.90
CA GLU A 261 9.64 21.06 -0.55
C GLU A 261 10.77 21.84 -1.22
N GLY A 262 11.79 21.17 -1.73
CA GLY A 262 12.89 21.80 -2.43
C GLY A 262 12.71 21.93 -3.91
N LEU A 263 11.62 21.39 -4.47
CA LEU A 263 11.37 21.45 -5.91
C LEU A 263 10.70 22.75 -6.29
N ALA B 4 -7.38 -3.15 30.31
CA ALA B 4 -6.98 -1.75 30.32
C ALA B 4 -7.25 -1.08 28.97
N VAL B 5 -7.89 -1.82 28.06
CA VAL B 5 -8.01 -1.36 26.68
C VAL B 5 -8.82 -0.07 26.61
N GLN B 6 -9.88 0.02 27.41
CA GLN B 6 -10.70 1.23 27.43
C GLN B 6 -9.90 2.43 27.91
N GLN B 7 -9.16 2.25 29.00
CA GLN B 7 -8.27 3.30 29.50
C GLN B 7 -7.35 3.77 28.39
N LYS B 8 -6.75 2.84 27.66
CA LYS B 8 -5.72 3.20 26.69
C LYS B 8 -6.32 3.93 25.49
N LEU B 9 -7.49 3.50 25.04
CA LEU B 9 -8.11 4.18 23.90
C LEU B 9 -8.57 5.59 24.27
N ALA B 10 -9.13 5.77 25.47
CA ALA B 10 -9.53 7.10 25.90
C ALA B 10 -8.31 8.03 25.99
N ALA B 11 -7.20 7.51 26.48
CA ALA B 11 -5.99 8.32 26.60
C ALA B 11 -5.42 8.66 25.23
N LEU B 12 -5.43 7.70 24.31
CA LEU B 12 -5.01 8.00 22.95
C LEU B 12 -5.88 9.08 22.34
N GLU B 13 -7.20 8.96 22.51
CA GLU B 13 -8.11 9.99 22.00
C GLU B 13 -7.81 11.35 22.61
N LYS B 14 -7.60 11.41 23.93
CA LYS B 14 -7.33 12.70 24.56
C LYS B 14 -6.06 13.33 24.01
N SER B 15 -4.99 12.52 23.89
CA SER B 15 -3.74 13.02 23.33
CA SER B 15 -3.74 13.03 23.34
C SER B 15 -3.92 13.52 21.91
N SER B 16 -4.78 12.85 21.13
CA SER B 16 -4.98 13.19 19.73
C SER B 16 -5.74 14.49 19.53
N GLY B 17 -6.53 14.92 20.51
CA GLY B 17 -7.36 16.09 20.35
C GLY B 17 -8.65 15.89 19.60
N GLY B 18 -8.90 14.70 19.06
CA GLY B 18 -10.05 14.46 18.22
C GLY B 18 -11.05 13.51 18.85
N ARG B 19 -11.84 12.86 17.99
CA ARG B 19 -12.89 11.93 18.39
C ARG B 19 -12.62 10.61 17.67
N LEU B 20 -12.44 9.56 18.45
CA LEU B 20 -11.99 8.26 17.96
C LEU B 20 -13.10 7.23 18.14
N GLY B 21 -13.34 6.42 17.11
CA GLY B 21 -14.30 5.34 17.17
C GLY B 21 -13.67 4.03 16.78
N VAL B 22 -13.83 3.00 17.61
CA VAL B 22 -13.19 1.71 17.39
C VAL B 22 -14.22 0.62 17.57
N ALA B 23 -14.24 -0.37 16.67
CA ALA B 23 -15.00 -1.58 16.88
C ALA B 23 -14.18 -2.75 16.39
N LEU B 24 -13.91 -3.69 17.28
CA LEU B 24 -13.24 -4.94 16.96
C LEU B 24 -14.23 -6.08 17.10
N ILE B 25 -14.18 -7.03 16.17
CA ILE B 25 -14.80 -8.34 16.35
C ILE B 25 -13.69 -9.37 16.24
N ASP B 26 -13.52 -10.20 17.26
CA ASP B 26 -12.66 -11.37 17.16
C ASP B 26 -13.53 -12.55 16.75
N THR B 27 -13.37 -13.04 15.51
CA THR B 27 -14.26 -14.11 15.05
C THR B 27 -13.94 -15.46 15.67
N ALA B 28 -12.82 -15.59 16.40
CA ALA B 28 -12.56 -16.84 17.11
C ALA B 28 -13.63 -17.12 18.15
N ASP B 29 -14.10 -16.07 18.83
CA ASP B 29 -15.02 -16.25 19.95
C ASP B 29 -16.12 -15.19 19.99
N ASN B 30 -16.23 -14.36 18.96
CA ASN B 30 -17.23 -13.31 18.87
C ASN B 30 -17.08 -12.21 19.91
N THR B 31 -15.92 -12.12 20.57
CA THR B 31 -15.75 -11.02 21.50
C THR B 31 -15.53 -9.72 20.75
N GLN B 32 -15.77 -8.61 21.46
CA GLN B 32 -15.75 -7.30 20.85
C GLN B 32 -15.05 -6.32 21.76
N VAL B 33 -14.44 -5.31 21.15
CA VAL B 33 -13.96 -4.14 21.86
C VAL B 33 -14.56 -2.95 21.15
N LEU B 34 -15.22 -2.08 21.91
CA LEU B 34 -15.93 -0.94 21.36
C LEU B 34 -15.49 0.32 22.08
N TYR B 35 -15.25 1.37 21.31
CA TYR B 35 -14.97 2.69 21.86
C TYR B 35 -15.73 3.68 20.99
N ARG B 36 -16.70 4.40 21.58
CA ARG B 36 -17.65 5.19 20.81
C ARG B 36 -18.24 4.36 19.67
N GLY B 37 -18.52 3.08 19.96
CA GLY B 37 -18.94 2.14 18.93
C GLY B 37 -20.29 2.43 18.34
N ASP B 38 -21.12 3.21 19.04
CA ASP B 38 -22.46 3.53 18.59
C ASP B 38 -22.60 4.98 18.16
N GLU B 39 -21.51 5.75 18.12
CA GLU B 39 -21.56 7.10 17.58
C GLU B 39 -21.38 7.06 16.08
N ARG B 40 -22.01 8.01 15.40
CA ARG B 40 -21.84 8.15 13.96
C ARG B 40 -20.56 8.89 13.64
N PHE B 41 -19.89 8.44 12.58
CA PHE B 41 -18.68 9.05 12.05
C PHE B 41 -18.82 9.15 10.54
N PRO B 42 -18.25 10.20 9.94
CA PRO B 42 -18.21 10.27 8.47
C PRO B 42 -17.36 9.13 7.91
N MET B 43 -17.93 8.36 6.98
CA MET B 43 -17.23 7.20 6.44
C MET B 43 -16.13 7.59 5.47
N CYS B 44 -16.31 8.69 4.75
CA CYS B 44 -15.42 9.06 3.66
C CYS B 44 -15.19 7.86 2.74
N SER B 45 -13.95 7.63 2.29
CA SER B 45 -13.74 6.59 1.27
C SER B 45 -13.95 5.18 1.77
N THR B 46 -14.12 4.96 3.08
CA THR B 46 -14.46 3.60 3.52
C THR B 46 -15.81 3.15 2.98
N SER B 47 -16.66 4.10 2.57
CA SER B 47 -17.94 3.77 1.95
C SER B 47 -17.77 3.06 0.62
N LYS B 48 -16.59 3.11 0.01
CA LYS B 48 -16.36 2.43 -1.26
C LYS B 48 -16.50 0.92 -1.12
N VAL B 49 -16.27 0.37 0.08
CA VAL B 49 -16.48 -1.06 0.29
C VAL B 49 -17.93 -1.44 0.06
N MET B 50 -18.86 -0.65 0.60
CA MET B 50 -20.27 -0.96 0.42
C MET B 50 -20.70 -0.82 -1.04
N ALA B 51 -20.19 0.18 -1.75
CA ALA B 51 -20.57 0.35 -3.15
C ALA B 51 -20.04 -0.80 -4.00
N ALA B 52 -18.76 -1.17 -3.80
CA ALA B 52 -18.21 -2.29 -4.56
C ALA B 52 -18.94 -3.58 -4.23
N ALA B 53 -19.26 -3.79 -2.96
CA ALA B 53 -19.98 -5.01 -2.57
C ALA B 53 -21.37 -5.05 -3.18
N ALA B 54 -22.03 -3.90 -3.27
CA ALA B 54 -23.37 -3.85 -3.88
C ALA B 54 -23.32 -4.22 -5.35
N VAL B 55 -22.27 -3.78 -6.06
CA VAL B 55 -22.11 -4.18 -7.46
C VAL B 55 -21.77 -5.67 -7.57
N LEU B 56 -20.95 -6.19 -6.65
CA LEU B 56 -20.71 -7.64 -6.62
C LEU B 56 -22.01 -8.39 -6.44
N LYS B 57 -22.89 -7.91 -5.55
CA LYS B 57 -24.17 -8.58 -5.37
C LYS B 57 -25.00 -8.55 -6.64
N GLN B 58 -25.04 -7.41 -7.33
CA GLN B 58 -25.76 -7.35 -8.61
C GLN B 58 -25.23 -8.38 -9.58
N SER B 59 -23.91 -8.58 -9.60
CA SER B 59 -23.28 -9.51 -10.55
C SER B 59 -23.60 -10.97 -10.26
N GLU B 60 -24.20 -11.27 -9.09
CA GLU B 60 -24.65 -12.65 -8.83
C GLU B 60 -25.80 -13.05 -9.74
N THR B 61 -26.58 -12.09 -10.22
CA THR B 61 -27.70 -12.37 -11.12
C THR B 61 -27.52 -11.79 -12.52
N GLN B 62 -26.83 -10.66 -12.65
CA GLN B 62 -26.40 -10.15 -13.96
C GLN B 62 -25.00 -10.69 -14.15
N LYS B 63 -24.88 -11.87 -14.74
CA LYS B 63 -23.66 -12.66 -14.59
C LYS B 63 -22.46 -12.07 -15.31
N GLN B 64 -22.65 -11.25 -16.33
CA GLN B 64 -21.54 -10.62 -17.03
C GLN B 64 -21.32 -9.17 -16.62
N LEU B 65 -21.97 -8.73 -15.54
CA LEU B 65 -21.99 -7.31 -15.22
C LEU B 65 -20.58 -6.76 -14.97
N LEU B 66 -19.72 -7.54 -14.30
CA LEU B 66 -18.41 -7.01 -13.94
C LEU B 66 -17.56 -6.68 -15.15
N ASN B 67 -17.81 -7.30 -16.30
CA ASN B 67 -17.02 -7.01 -17.49
C ASN B 67 -17.69 -5.99 -18.41
N GLN B 68 -18.78 -5.37 -17.96
CA GLN B 68 -19.47 -4.37 -18.77
C GLN B 68 -18.63 -3.10 -18.87
N PRO B 69 -18.38 -2.58 -20.07
CA PRO B 69 -17.66 -1.30 -20.20
C PRO B 69 -18.50 -0.13 -19.75
N VAL B 70 -17.84 0.84 -19.13
CA VAL B 70 -18.44 2.06 -18.66
C VAL B 70 -17.64 3.24 -19.21
N GLU B 71 -18.32 4.17 -19.86
CA GLU B 71 -17.66 5.32 -20.45
C GLU B 71 -17.09 6.23 -19.37
N ILE B 72 -15.84 6.67 -19.56
CA ILE B 72 -15.21 7.69 -18.73
C ILE B 72 -15.05 8.94 -19.59
N LYS B 73 -15.73 10.02 -19.21
CA LYS B 73 -15.67 11.27 -19.94
C LYS B 73 -14.82 12.30 -19.18
N PRO B 74 -14.21 13.27 -19.86
CA PRO B 74 -13.48 14.31 -19.12
C PRO B 74 -14.29 14.97 -18.02
N ALA B 75 -15.58 15.20 -18.26
CA ALA B 75 -16.42 15.87 -17.26
C ALA B 75 -16.66 15.01 -16.03
N ASP B 76 -16.39 13.69 -16.11
CA ASP B 76 -16.61 12.81 -14.97
C ASP B 76 -15.53 12.93 -13.92
N LEU B 77 -14.34 13.43 -14.27
CA LEU B 77 -13.23 13.43 -13.33
C LEU B 77 -13.55 14.38 -12.17
N VAL B 78 -13.33 13.91 -10.96
CA VAL B 78 -13.55 14.73 -9.78
C VAL B 78 -12.20 15.10 -9.16
N ASN B 79 -12.03 14.92 -7.85
CA ASN B 79 -10.90 15.53 -7.17
C ASN B 79 -9.68 14.61 -7.00
N TYR B 80 -9.81 13.31 -7.25
CA TYR B 80 -8.65 12.42 -7.16
C TYR B 80 -9.00 11.17 -7.96
N ASN B 81 -8.35 11.01 -9.11
CA ASN B 81 -8.78 10.05 -10.13
C ASN B 81 -7.56 9.36 -10.72
N PRO B 82 -6.73 8.73 -9.88
CA PRO B 82 -5.45 8.20 -10.39
C PRO B 82 -5.57 7.13 -11.46
N ILE B 83 -6.65 6.35 -11.46
CA ILE B 83 -6.86 5.34 -12.48
C ILE B 83 -7.76 5.87 -13.59
N ALA B 84 -8.88 6.50 -13.22
CA ALA B 84 -9.86 6.90 -14.23
C ALA B 84 -9.27 7.92 -15.20
N GLU B 85 -8.35 8.77 -14.75
CA GLU B 85 -7.80 9.78 -15.65
C GLU B 85 -7.04 9.15 -16.80
N LYS B 86 -6.53 7.93 -16.64
CA LYS B 86 -5.84 7.26 -17.73
C LYS B 86 -6.79 6.73 -18.78
N HIS B 87 -8.09 6.66 -18.49
CA HIS B 87 -9.07 6.07 -19.38
C HIS B 87 -10.12 7.07 -19.84
N VAL B 88 -9.89 8.36 -19.63
N VAL B 88 -9.88 8.36 -19.65
CA VAL B 88 -10.84 9.35 -20.14
CA VAL B 88 -10.78 9.39 -20.17
C VAL B 88 -10.93 9.23 -21.67
C VAL B 88 -10.91 9.26 -21.67
N ASN B 89 -12.11 9.52 -22.19
CA ASN B 89 -12.42 9.31 -23.61
C ASN B 89 -12.25 7.84 -24.00
N GLY B 90 -12.45 6.97 -23.03
CA GLY B 90 -12.42 5.53 -23.24
C GLY B 90 -13.36 4.90 -22.24
N THR B 91 -13.07 3.65 -21.87
CA THR B 91 -13.96 2.90 -20.99
C THR B 91 -13.16 2.15 -19.94
N MET B 92 -13.83 1.83 -18.83
CA MET B 92 -13.35 0.87 -17.86
C MET B 92 -14.51 -0.07 -17.54
N THR B 93 -14.18 -1.32 -17.22
CA THR B 93 -15.25 -2.22 -16.81
C THR B 93 -15.63 -2.00 -15.36
N LEU B 94 -16.79 -2.51 -14.97
CA LEU B 94 -17.20 -2.38 -13.58
C LEU B 94 -16.24 -3.07 -12.62
N ALA B 95 -15.62 -4.18 -13.03
CA ALA B 95 -14.57 -4.80 -12.21
C ALA B 95 -13.38 -3.85 -12.07
N GLU B 96 -12.97 -3.24 -13.17
CA GLU B 96 -11.84 -2.31 -13.13
C GLU B 96 -12.16 -1.09 -12.26
N LEU B 97 -13.40 -0.61 -12.33
CA LEU B 97 -13.80 0.52 -11.49
C LEU B 97 -13.83 0.13 -10.03
N SER B 98 -14.30 -1.09 -9.73
CA SER B 98 -14.31 -1.56 -8.34
C SER B 98 -12.90 -1.67 -7.79
N ALA B 99 -11.99 -2.24 -8.57
CA ALA B 99 -10.61 -2.35 -8.12
C ALA B 99 -9.98 -0.99 -7.94
N ALA B 100 -10.25 -0.06 -8.86
CA ALA B 100 -9.69 1.29 -8.75
C ALA B 100 -10.21 2.00 -7.50
N ALA B 101 -11.52 1.92 -7.25
CA ALA B 101 -12.12 2.53 -6.07
C ALA B 101 -11.51 1.94 -4.80
N LEU B 102 -11.39 0.62 -4.75
CA LEU B 102 -10.98 -0.02 -3.52
C LEU B 102 -9.49 0.10 -3.28
N GLN B 103 -8.67 -0.16 -4.31
CA GLN B 103 -7.24 -0.33 -4.09
C GLN B 103 -6.45 0.96 -4.27
N TYR B 104 -7.00 1.93 -4.98
CA TYR B 104 -6.36 3.22 -5.21
C TYR B 104 -7.18 4.37 -4.67
N SER B 105 -8.39 4.11 -4.18
CA SER B 105 -9.28 5.13 -3.64
C SER B 105 -9.67 6.16 -4.71
N ASP B 106 -9.85 5.67 -5.95
CA ASP B 106 -10.23 6.55 -7.06
C ASP B 106 -11.67 7.03 -6.87
N ASN B 107 -11.85 8.37 -6.88
CA ASN B 107 -13.16 8.94 -6.59
C ASN B 107 -14.08 8.95 -7.79
N THR B 108 -13.53 9.08 -9.00
CA THR B 108 -14.36 8.94 -10.18
C THR B 108 -14.90 7.51 -10.29
N ALA B 109 -14.06 6.52 -9.96
CA ALA B 109 -14.50 5.13 -9.99
C ALA B 109 -15.65 4.90 -9.02
N MET B 110 -15.55 5.46 -7.82
CA MET B 110 -16.64 5.38 -6.86
C MET B 110 -17.94 5.95 -7.44
N ASN B 111 -17.86 7.10 -8.11
CA ASN B 111 -19.07 7.67 -8.68
C ASN B 111 -19.69 6.76 -9.73
N LYS B 112 -18.86 6.04 -10.51
CA LYS B 112 -19.43 5.08 -11.45
C LYS B 112 -20.13 3.93 -10.73
N LEU B 113 -19.57 3.47 -9.61
CA LEU B 113 -20.25 2.42 -8.84
C LEU B 113 -21.58 2.92 -8.31
N ILE B 114 -21.59 4.14 -7.77
CA ILE B 114 -22.82 4.73 -7.27
C ILE B 114 -23.87 4.85 -8.38
N ALA B 115 -23.45 5.29 -9.56
CA ALA B 115 -24.38 5.44 -10.68
C ALA B 115 -24.95 4.08 -11.10
N GLN B 116 -24.10 3.04 -11.12
CA GLN B 116 -24.58 1.69 -11.47
C GLN B 116 -25.66 1.22 -10.51
N LEU B 117 -25.62 1.65 -9.26
CA LEU B 117 -26.59 1.28 -8.25
C LEU B 117 -27.80 2.21 -8.20
N GLY B 118 -27.87 3.20 -9.09
CA GLY B 118 -29.00 4.10 -9.15
C GLY B 118 -28.89 5.30 -8.24
N GLY B 119 -27.69 5.62 -7.76
CA GLY B 119 -27.50 6.75 -6.88
C GLY B 119 -27.14 6.29 -5.49
N PRO B 120 -26.79 7.24 -4.62
CA PRO B 120 -26.40 6.88 -3.24
C PRO B 120 -27.43 6.02 -2.51
N GLY B 121 -28.73 6.27 -2.74
CA GLY B 121 -29.76 5.46 -2.13
C GLY B 121 -29.68 3.99 -2.51
N GLY B 122 -29.16 3.67 -3.68
CA GLY B 122 -28.99 2.28 -4.04
C GLY B 122 -27.92 1.59 -3.22
N VAL B 123 -26.90 2.33 -2.79
CA VAL B 123 -25.91 1.77 -1.87
C VAL B 123 -26.54 1.52 -0.51
N THR B 124 -27.31 2.50 0.00
CA THR B 124 -28.01 2.33 1.27
C THR B 124 -28.98 1.15 1.19
N ALA B 125 -29.68 1.00 0.07
CA ALA B 125 -30.61 -0.11 -0.06
C ALA B 125 -29.90 -1.46 0.02
N PHE B 126 -28.69 -1.55 -0.55
CA PHE B 126 -27.94 -2.79 -0.40
C PHE B 126 -27.55 -3.02 1.05
N ALA B 127 -27.12 -1.98 1.76
CA ALA B 127 -26.83 -2.12 3.18
C ALA B 127 -28.03 -2.68 3.95
N ARG B 128 -29.22 -2.13 3.70
CA ARG B 128 -30.42 -2.66 4.36
C ARG B 128 -30.67 -4.11 4.00
N ALA B 129 -30.41 -4.48 2.74
CA ALA B 129 -30.68 -5.85 2.32
C ALA B 129 -29.77 -6.86 3.00
N ILE B 130 -28.59 -6.43 3.46
CA ILE B 130 -27.67 -7.31 4.16
C ILE B 130 -27.71 -7.10 5.68
N GLY B 131 -28.74 -6.42 6.17
CA GLY B 131 -28.98 -6.36 7.60
C GLY B 131 -28.40 -5.16 8.31
N ASP B 132 -27.83 -4.20 7.59
CA ASP B 132 -27.22 -3.02 8.20
C ASP B 132 -28.27 -1.91 8.17
N GLU B 133 -28.81 -1.58 9.34
CA GLU B 133 -29.84 -0.57 9.49
C GLU B 133 -29.28 0.81 9.80
N THR B 134 -27.96 0.97 9.84
CA THR B 134 -27.29 2.16 10.32
C THR B 134 -26.59 2.94 9.22
N PHE B 135 -25.85 2.24 8.35
CA PHE B 135 -25.17 2.85 7.21
C PHE B 135 -26.13 3.72 6.41
N ARG B 136 -25.64 4.89 5.99
CA ARG B 136 -26.35 5.67 4.98
C ARG B 136 -25.34 6.35 4.07
N LEU B 137 -25.56 6.22 2.76
CA LEU B 137 -24.86 7.02 1.76
C LEU B 137 -25.87 7.98 1.16
N ASP B 138 -25.52 9.26 1.20
CA ASP B 138 -26.41 10.34 0.78
C ASP B 138 -25.90 11.12 -0.41
N ARG B 139 -24.58 11.18 -0.62
CA ARG B 139 -23.97 12.03 -1.63
C ARG B 139 -22.95 11.25 -2.43
N THR B 140 -22.55 11.85 -3.55
CA THR B 140 -21.50 11.33 -4.41
C THR B 140 -20.15 11.91 -3.97
N GLU B 141 -19.09 11.49 -4.67
CA GLU B 141 -17.80 12.16 -4.51
C GLU B 141 -17.81 13.47 -5.30
N PRO B 142 -17.23 14.54 -4.75
CA PRO B 142 -16.47 14.60 -3.51
C PRO B 142 -17.25 15.01 -2.26
N THR B 143 -18.51 15.43 -2.40
CA THR B 143 -19.18 16.06 -1.27
C THR B 143 -19.51 15.09 -0.13
N LEU B 144 -19.44 13.78 -0.37
CA LEU B 144 -19.71 12.88 0.76
C LEU B 144 -18.65 12.96 1.84
N ASN B 145 -17.57 13.71 1.61
CA ASN B 145 -16.45 13.81 2.55
C ASN B 145 -16.46 15.09 3.38
N THR B 146 -17.56 15.85 3.39
CA THR B 146 -17.54 17.13 4.12
C THR B 146 -17.37 16.93 5.63
N ALA B 147 -17.86 15.81 6.18
CA ALA B 147 -17.55 15.42 7.56
C ALA B 147 -17.95 16.48 8.58
N ILE B 148 -19.08 17.14 8.34
CA ILE B 148 -19.51 18.22 9.22
C ILE B 148 -19.97 17.64 10.56
N PRO B 149 -19.47 18.14 11.69
CA PRO B 149 -19.89 17.59 12.99
C PRO B 149 -21.40 17.70 13.17
N GLY B 150 -22.01 16.60 13.62
CA GLY B 150 -23.45 16.53 13.81
C GLY B 150 -24.26 16.15 12.59
N ASP B 151 -23.65 16.14 11.40
CA ASP B 151 -24.36 15.82 10.16
C ASP B 151 -24.44 14.31 10.00
N PRO B 152 -25.63 13.72 9.92
CA PRO B 152 -25.70 12.25 9.78
C PRO B 152 -25.45 11.76 8.37
N ARG B 153 -25.39 12.65 7.37
CA ARG B 153 -25.19 12.19 6.01
C ARG B 153 -23.88 11.45 5.86
N ASP B 154 -23.92 10.34 5.12
CA ASP B 154 -22.71 9.62 4.76
C ASP B 154 -21.95 9.13 5.99
N THR B 155 -22.69 8.69 7.00
CA THR B 155 -22.10 8.18 8.23
C THR B 155 -22.54 6.76 8.51
N THR B 156 -21.79 6.12 9.40
CA THR B 156 -22.22 4.90 10.06
C THR B 156 -21.58 4.86 11.44
N THR B 157 -21.87 3.79 12.19
CA THR B 157 -21.21 3.64 13.47
C THR B 157 -20.13 2.57 13.37
N PRO B 158 -19.09 2.64 14.20
CA PRO B 158 -18.08 1.57 14.18
C PRO B 158 -18.68 0.19 14.38
N ARG B 159 -19.61 0.04 15.33
CA ARG B 159 -20.22 -1.26 15.57
C ARG B 159 -20.91 -1.79 14.31
N ALA B 160 -21.70 -0.95 13.64
CA ALA B 160 -22.41 -1.40 12.45
C ALA B 160 -21.45 -1.73 11.32
N MET B 161 -20.41 -0.92 11.12
CA MET B 161 -19.49 -1.16 10.01
CA MET B 161 -19.51 -1.19 10.00
C MET B 161 -18.67 -2.44 10.22
N ALA B 162 -18.26 -2.69 11.48
CA ALA B 162 -17.54 -3.93 11.75
C ALA B 162 -18.41 -5.14 11.49
N GLN B 163 -19.68 -5.09 11.93
CA GLN B 163 -20.59 -6.21 11.70
C GLN B 163 -20.80 -6.43 10.21
N THR B 164 -21.01 -5.35 9.48
CA THR B 164 -21.21 -5.48 8.03
C THR B 164 -19.95 -5.96 7.33
N LEU B 165 -18.78 -5.43 7.71
CA LEU B 165 -17.56 -5.90 7.07
C LEU B 165 -17.35 -7.39 7.32
N ARG B 166 -17.66 -7.85 8.53
CA ARG B 166 -17.61 -9.28 8.80
C ARG B 166 -18.54 -10.05 7.87
N GLN B 167 -19.79 -9.60 7.76
CA GLN B 167 -20.76 -10.32 6.91
C GLN B 167 -20.28 -10.37 5.47
N LEU B 168 -19.67 -9.29 4.99
CA LEU B 168 -19.27 -9.19 3.58
C LEU B 168 -18.05 -10.04 3.28
N THR B 169 -17.08 -10.10 4.19
CA THR B 169 -15.80 -10.72 3.91
C THR B 169 -15.66 -12.11 4.50
N LEU B 170 -16.41 -12.44 5.55
CA LEU B 170 -16.29 -13.72 6.23
C LEU B 170 -17.62 -14.45 6.34
N GLY B 171 -18.74 -13.77 6.12
CA GLY B 171 -20.05 -14.36 6.20
C GLY B 171 -20.66 -14.55 4.83
N HIS B 172 -21.99 -14.42 4.76
CA HIS B 172 -22.75 -14.85 3.59
C HIS B 172 -23.61 -13.74 3.01
N ALA B 173 -23.21 -12.49 3.22
CA ALA B 173 -23.90 -11.39 2.56
C ALA B 173 -23.76 -11.48 1.05
N LEU B 174 -22.61 -11.97 0.57
CA LEU B 174 -22.32 -12.17 -0.84
C LEU B 174 -22.19 -13.67 -1.12
N GLY B 175 -22.36 -14.05 -2.38
CA GLY B 175 -22.03 -15.41 -2.78
C GLY B 175 -20.54 -15.69 -2.63
N GLU B 176 -20.18 -16.97 -2.62
CA GLU B 176 -18.83 -17.36 -2.26
C GLU B 176 -17.77 -16.71 -3.15
N THR B 177 -17.98 -16.74 -4.47
N THR B 177 -17.95 -16.72 -4.47
CA THR B 177 -17.01 -16.17 -5.41
CA THR B 177 -16.88 -16.15 -5.29
C THR B 177 -16.88 -14.67 -5.20
C THR B 177 -16.87 -14.63 -5.28
N GLN B 178 -18.01 -14.00 -4.98
CA GLN B 178 -18.01 -12.55 -4.81
C GLN B 178 -17.35 -12.16 -3.50
N ARG B 179 -17.60 -12.92 -2.42
CA ARG B 179 -16.89 -12.72 -1.18
C ARG B 179 -15.38 -12.83 -1.40
N ALA B 180 -14.95 -13.88 -2.09
CA ALA B 180 -13.52 -14.05 -2.34
C ALA B 180 -12.96 -12.89 -3.16
N GLN B 181 -13.74 -12.39 -4.12
CA GLN B 181 -13.27 -11.26 -4.92
C GLN B 181 -13.11 -10.01 -4.08
N LEU B 182 -14.07 -9.74 -3.19
CA LEU B 182 -13.94 -8.60 -2.29
C LEU B 182 -12.70 -8.73 -1.41
N VAL B 183 -12.47 -9.92 -0.85
CA VAL B 183 -11.30 -10.14 0.00
C VAL B 183 -10.01 -9.95 -0.79
N THR B 184 -9.96 -10.48 -2.02
CA THR B 184 -8.79 -10.28 -2.87
C THR B 184 -8.53 -8.80 -3.09
N TRP B 185 -9.58 -8.03 -3.40
CA TRP B 185 -9.39 -6.60 -3.62
C TRP B 185 -8.86 -5.91 -2.38
N LEU B 186 -9.48 -6.17 -1.21
CA LEU B 186 -9.04 -5.55 0.03
C LEU B 186 -7.59 -5.91 0.35
N LYS B 187 -7.20 -7.17 0.13
CA LYS B 187 -5.82 -7.57 0.42
C LYS B 187 -4.81 -6.89 -0.49
N GLY B 188 -5.23 -6.48 -1.68
CA GLY B 188 -4.37 -5.76 -2.60
C GLY B 188 -4.43 -4.25 -2.49
N ASN B 189 -5.05 -3.72 -1.43
CA ASN B 189 -5.07 -2.27 -1.26
C ASN B 189 -3.67 -1.70 -1.27
N THR B 190 -3.51 -0.54 -1.91
CA THR B 190 -2.21 0.14 -1.94
C THR B 190 -2.06 1.23 -0.87
N THR B 191 -3.14 1.63 -0.20
CA THR B 191 -3.11 2.85 0.58
C THR B 191 -3.02 2.64 2.08
N GLY B 192 -2.83 1.41 2.55
CA GLY B 192 -3.11 1.09 3.94
C GLY B 192 -1.95 0.91 4.89
N ALA B 193 -0.70 0.96 4.41
CA ALA B 193 0.43 0.56 5.26
C ALA B 193 0.64 1.46 6.47
N ALA B 194 0.15 2.70 6.46
CA ALA B 194 0.36 3.63 7.57
C ALA B 194 -0.79 3.64 8.57
N SER B 195 -1.84 2.87 8.33
CA SER B 195 -3.08 2.94 9.11
C SER B 195 -3.16 1.73 10.03
N ILE B 196 -4.25 0.95 10.03
CA ILE B 196 -4.36 -0.18 10.95
C ILE B 196 -3.15 -1.10 10.86
N ARG B 197 -2.71 -1.40 9.63
CA ARG B 197 -1.57 -2.29 9.38
C ARG B 197 -0.36 -1.90 10.21
N ALA B 198 -0.12 -0.60 10.37
CA ALA B 198 1.11 -0.15 11.02
C ALA B 198 1.12 -0.44 12.51
N GLY B 199 -0.03 -0.74 13.11
CA GLY B 199 -0.08 -1.08 14.50
C GLY B 199 -0.10 -2.56 14.79
N LEU B 200 0.03 -3.41 13.78
CA LEU B 200 -0.10 -4.86 13.92
C LEU B 200 1.23 -5.54 13.63
N PRO B 201 1.45 -6.74 14.18
CA PRO B 201 2.64 -7.50 13.81
C PRO B 201 2.75 -7.62 12.31
N THR B 202 3.99 -7.51 11.80
CA THR B 202 4.19 -7.43 10.36
C THR B 202 3.83 -8.71 9.63
N SER B 203 3.81 -9.85 10.33
N SER B 203 3.81 -9.85 10.32
CA SER B 203 3.54 -11.13 9.71
CA SER B 203 3.53 -11.12 9.66
C SER B 203 2.06 -11.37 9.45
C SER B 203 2.04 -11.32 9.39
N TRP B 204 1.17 -10.58 10.06
CA TRP B 204 -0.27 -10.78 9.90
C TRP B 204 -0.70 -10.29 8.53
N THR B 205 -1.66 -10.97 7.93
CA THR B 205 -2.20 -10.58 6.63
C THR B 205 -3.39 -9.66 6.86
N VAL B 206 -3.45 -8.56 6.12
CA VAL B 206 -4.48 -7.54 6.29
C VAL B 206 -5.08 -7.20 4.94
N GLY B 207 -6.40 -7.06 4.90
CA GLY B 207 -7.08 -6.36 3.82
C GLY B 207 -7.82 -5.18 4.41
N ASP B 208 -7.75 -4.03 3.76
CA ASP B 208 -8.34 -2.84 4.36
C ASP B 208 -8.77 -1.85 3.30
N LYS B 209 -9.58 -0.89 3.75
CA LYS B 209 -9.95 0.29 2.96
C LYS B 209 -9.82 1.52 3.83
N THR B 210 -8.99 2.47 3.41
CA THR B 210 -8.78 3.72 4.12
C THR B 210 -9.81 4.75 3.69
N GLY B 211 -9.88 5.85 4.43
CA GLY B 211 -10.67 7.00 4.02
C GLY B 211 -10.15 8.25 4.67
N SER B 212 -10.34 9.38 3.99
CA SER B 212 -10.06 10.65 4.61
C SER B 212 -10.99 11.71 4.05
N GLY B 213 -11.13 12.80 4.80
CA GLY B 213 -12.01 13.86 4.38
C GLY B 213 -11.75 15.12 5.18
N ASP B 214 -12.71 16.03 5.12
CA ASP B 214 -12.56 17.28 5.86
C ASP B 214 -12.62 17.00 7.36
N TYR B 215 -12.35 18.03 8.16
CA TYR B 215 -12.21 17.89 9.61
C TYR B 215 -11.12 16.88 9.98
N GLY B 216 -10.09 16.78 9.15
CA GLY B 216 -9.02 15.85 9.42
C GLY B 216 -9.47 14.42 9.59
N THR B 217 -10.58 14.06 8.95
CA THR B 217 -11.14 12.73 9.14
C THR B 217 -10.19 11.69 8.55
N THR B 218 -9.86 10.68 9.34
CA THR B 218 -8.88 9.67 8.95
C THR B 218 -9.43 8.33 9.41
N ASN B 219 -9.71 7.43 8.47
CA ASN B 219 -10.44 6.20 8.75
C ASN B 219 -9.74 5.00 8.13
N ASP B 220 -10.03 3.83 8.68
CA ASP B 220 -9.59 2.57 8.09
C ASP B 220 -10.52 1.47 8.60
N ILE B 221 -10.90 0.57 7.71
CA ILE B 221 -11.66 -0.61 8.06
C ILE B 221 -10.93 -1.83 7.50
N ALA B 222 -10.75 -2.87 8.31
CA ALA B 222 -9.83 -3.93 7.98
C ALA B 222 -10.35 -5.29 8.42
N VAL B 223 -9.97 -6.31 7.64
CA VAL B 223 -10.05 -7.70 8.08
C VAL B 223 -8.62 -8.18 8.21
N ILE B 224 -8.35 -8.88 9.31
CA ILE B 224 -7.01 -9.20 9.75
C ILE B 224 -6.93 -10.69 9.98
N TRP B 225 -5.94 -11.33 9.36
CA TRP B 225 -5.70 -12.77 9.56
C TRP B 225 -4.40 -12.93 10.33
N PRO B 226 -4.45 -13.03 11.65
CA PRO B 226 -3.22 -13.25 12.42
C PRO B 226 -2.74 -14.69 12.25
N GLN B 227 -1.47 -14.89 12.57
CA GLN B 227 -0.92 -16.23 12.52
C GLN B 227 -1.56 -17.10 13.58
N GLY B 228 -2.08 -18.24 13.16
CA GLY B 228 -2.50 -19.25 14.11
C GLY B 228 -3.84 -19.04 14.78
N ARG B 229 -4.67 -18.12 14.27
CA ARG B 229 -5.97 -17.89 14.90
C ARG B 229 -6.94 -17.33 13.88
N ALA B 230 -8.22 -17.34 14.26
CA ALA B 230 -9.29 -16.89 13.40
C ALA B 230 -9.19 -15.38 13.15
N PRO B 231 -9.77 -14.90 12.04
CA PRO B 231 -9.58 -13.49 11.69
C PRO B 231 -10.29 -12.53 12.62
N LEU B 232 -9.80 -11.29 12.62
CA LEU B 232 -10.40 -10.18 13.33
C LEU B 232 -10.95 -9.20 12.31
N VAL B 233 -11.97 -8.46 12.73
CA VAL B 233 -12.48 -7.34 11.94
C VAL B 233 -12.31 -6.09 12.79
N LEU B 234 -11.72 -5.05 12.21
CA LEU B 234 -11.39 -3.86 12.99
C LEU B 234 -11.75 -2.62 12.20
N VAL B 235 -12.54 -1.74 12.82
N VAL B 235 -12.53 -1.72 12.80
CA VAL B 235 -12.89 -0.43 12.29
CA VAL B 235 -12.82 -0.43 12.19
C VAL B 235 -12.24 0.61 13.20
C VAL B 235 -12.35 0.66 13.12
N THR B 236 -11.53 1.57 12.60
CA THR B 236 -11.00 2.71 13.33
C THR B 236 -11.38 3.98 12.58
N TYR B 237 -12.19 4.83 13.20
CA TYR B 237 -12.64 6.07 12.63
C TYR B 237 -12.11 7.22 13.47
N PHE B 238 -11.71 8.31 12.84
CA PHE B 238 -11.15 9.43 13.61
C PHE B 238 -11.50 10.72 12.92
N THR B 239 -11.95 11.71 13.71
CA THR B 239 -12.28 13.01 13.14
C THR B 239 -11.93 14.08 14.16
N GLN B 240 -11.77 15.30 13.68
CA GLN B 240 -11.10 16.34 14.45
C GLN B 240 -11.92 17.62 14.47
N PRO B 241 -11.60 18.55 15.40
CA PRO B 241 -12.45 19.75 15.56
C PRO B 241 -12.29 20.79 14.48
N GLN B 242 -11.15 20.85 13.80
CA GLN B 242 -10.87 21.91 12.85
C GLN B 242 -11.14 21.42 11.44
N GLN B 243 -11.89 22.21 10.67
CA GLN B 243 -12.28 21.79 9.32
CA GLN B 243 -12.28 21.80 9.31
C GLN B 243 -11.07 21.46 8.45
N ASN B 244 -9.97 22.19 8.63
CA ASN B 244 -8.78 22.02 7.80
C ASN B 244 -7.70 21.17 8.47
N ALA B 245 -8.05 20.41 9.51
CA ALA B 245 -7.06 19.62 10.22
C ALA B 245 -6.37 18.62 9.29
N GLU B 246 -5.13 18.28 9.64
CA GLU B 246 -4.35 17.33 8.86
C GLU B 246 -4.69 15.89 9.25
N SER B 247 -4.42 14.97 8.31
CA SER B 247 -4.69 13.58 8.56
C SER B 247 -3.81 13.04 9.68
N ARG B 248 -4.32 12.03 10.39
CA ARG B 248 -3.62 11.41 11.51
C ARG B 248 -3.71 9.89 11.40
N ARG B 249 -3.08 9.34 10.36
CA ARG B 249 -3.06 7.88 10.23
C ARG B 249 -2.37 7.22 11.40
N ASP B 250 -1.42 7.92 12.04
CA ASP B 250 -0.74 7.39 13.22
C ASP B 250 -1.70 7.08 14.35
N VAL B 251 -2.81 7.83 14.45
CA VAL B 251 -3.79 7.55 15.50
C VAL B 251 -4.47 6.22 15.27
N LEU B 252 -4.79 5.91 14.01
CA LEU B 252 -5.37 4.62 13.67
C LEU B 252 -4.39 3.48 13.95
N ALA B 253 -3.12 3.69 13.60
CA ALA B 253 -2.09 2.70 13.92
C ALA B 253 -1.97 2.49 15.42
N SER B 254 -1.99 3.59 16.20
CA SER B 254 -1.91 3.47 17.65
C SER B 254 -3.12 2.73 18.22
N ALA B 255 -4.32 3.01 17.69
CA ALA B 255 -5.51 2.28 18.14
C ALA B 255 -5.40 0.80 17.85
N ALA B 256 -4.92 0.44 16.65
CA ALA B 256 -4.73 -0.96 16.32
C ALA B 256 -3.69 -1.61 17.21
N ARG B 257 -2.63 -0.88 17.53
CA ARG B 257 -1.59 -1.40 18.42
C ARG B 257 -2.15 -1.70 19.81
N ILE B 258 -2.98 -0.80 20.34
CA ILE B 258 -3.65 -1.04 21.61
C ILE B 258 -4.49 -2.30 21.55
N ILE B 259 -5.27 -2.44 20.47
CA ILE B 259 -6.13 -3.61 20.30
C ILE B 259 -5.30 -4.88 20.23
N ALA B 260 -4.19 -4.83 19.48
CA ALA B 260 -3.36 -6.03 19.33
C ALA B 260 -2.70 -6.42 20.64
N GLU B 261 -2.27 -5.44 21.45
CA GLU B 261 -1.65 -5.77 22.72
C GLU B 261 -2.67 -6.35 23.70
N GLY B 262 -3.94 -5.98 23.56
CA GLY B 262 -4.97 -6.49 24.43
C GLY B 262 -5.55 -7.83 24.04
N LEU B 263 -5.06 -8.43 22.97
CA LEU B 263 -5.52 -9.75 22.57
C LEU B 263 -4.87 -10.83 23.42
C14 J84 C . 9.72 -5.82 4.15
C12 J84 C . 9.90 -8.27 3.90
C11 J84 C . 9.75 -7.12 4.63
C01 J84 C . 10.27 -11.28 8.65
C02 J84 C . 10.51 -10.45 7.56
C03 J84 C . 9.48 -9.68 7.05
C04 J84 C . 8.22 -9.78 7.66
C05 J84 C . 7.99 -10.59 8.74
C06 J84 C . 9.02 -11.34 9.25
C10 J84 C . 9.56 -7.55 5.95
N09 J84 C . 9.62 -8.88 5.98
N13 J84 C . 9.83 -9.32 4.71
N15 J84 C . 9.85 -4.72 4.87
N16 J84 C . 9.70 -3.64 4.05
N17 J84 C . 9.47 -4.12 2.81
N18 J84 C . 9.47 -5.47 2.89
N19 J84 C . 9.34 -6.71 7.11
CL07 J84 C . 8.68 -12.39 10.64
CL08 J84 C . 6.84 -8.85 7.09
C14 J84 D . 20.89 22.01 -10.73
C12 J84 D . 18.98 23.20 -9.71
C11 J84 D . 19.82 22.12 -9.84
C01 J84 D . 15.89 19.42 -6.86
C02 J84 D . 16.77 20.05 -7.75
C03 J84 D . 17.56 21.12 -7.35
C04 J84 D . 17.42 21.59 -6.05
C05 J84 D . 16.56 20.98 -5.16
C06 J84 D . 15.80 19.91 -5.57
C10 J84 D . 19.38 21.17 -8.92
N09 J84 D . 18.34 21.69 -8.28
N13 J84 D . 18.09 22.94 -8.78
N15 J84 D . 21.21 22.94 -11.63
N16 J84 D . 22.28 22.51 -12.35
N17 J84 D . 22.59 21.27 -11.87
N18 J84 D . 21.70 20.98 -10.88
N19 J84 D . 19.95 19.86 -8.69
CL07 J84 D . 14.70 19.15 -4.40
CL08 J84 D . 18.38 22.96 -5.44
S DMS E . 6.12 -5.05 5.32
O DMS E . 5.43 -3.86 4.74
C1 DMS E . 5.03 -5.78 6.58
C2 DMS E . 6.13 -6.42 4.14
C14 J84 F . -8.26 8.74 0.60
C12 J84 F . -9.39 9.59 -1.46
C11 J84 F . -8.53 9.70 -0.38
C01 J84 F . -8.63 15.01 -2.75
C02 J84 F . -9.01 13.79 -2.19
C03 J84 F . -8.09 12.75 -2.10
C04 J84 F . -6.81 12.93 -2.63
C05 J84 F . -6.44 14.13 -3.19
C06 J84 F . -7.34 15.16 -3.25
C10 J84 F . -7.92 10.96 -0.52
N09 J84 F . -8.43 11.55 -1.60
N13 J84 F . -9.33 10.70 -2.18
N15 J84 F . -8.56 7.45 0.53
N16 J84 F . -8.10 6.81 1.64
N17 J84 F . -7.51 7.74 2.41
N18 J84 F . -7.61 8.93 1.74
N19 J84 F . -6.93 11.55 0.34
CL07 J84 F . -6.79 16.69 -3.99
CL08 J84 F . -5.53 11.68 -2.63
S DMS G . -4.37 8.39 -0.32
O DMS G . -3.83 7.20 0.42
C1 DMS G . -3.05 9.06 -1.36
C2 DMS G . -5.51 7.82 -1.60
#